data_2XIG
#
_entry.id   2XIG
#
_cell.length_a   48.150
_cell.length_b   48.290
_cell.length_c   72.250
_cell.angle_alpha   83.32
_cell.angle_beta   77.82
_cell.angle_gamma   87.65
#
_symmetry.space_group_name_H-M   'P 1'
#
loop_
_entity.id
_entity.type
_entity.pdbx_description
1 polymer 'FERRIC UPTAKE REGULATION PROTEIN'
2 non-polymer 'ZINC ION'
3 non-polymer 'CITRIC ACID'
4 water water
#
_entity_poly.entity_id   1
_entity_poly.type   'polypeptide(L)'
_entity_poly.pdbx_seq_one_letter_code
;MKRLETLESILERLRMSIKKNGLKNSKQREEVVSVLYRSGTHLSPEEITHSIRQKDKNTSISSVYRILNFLEKENFISVL
ETSKSGRRYEIAAKEHHDHIICLHCGKIIEFADPEIENRQNEVVKKYQAKLISHDMKMFVWCKECQESES
;
_entity_poly.pdbx_strand_id   A,B,C,D
#
# COMPACT_ATOMS: atom_id res chain seq x y z
N MET A 1 -4.81 35.44 -2.42
CA MET A 1 -4.23 35.17 -3.73
C MET A 1 -2.81 35.71 -3.80
N LYS A 2 -2.05 35.50 -2.72
CA LYS A 2 -0.72 36.09 -2.59
C LYS A 2 0.38 35.31 -3.31
N ARG A 3 1.38 36.03 -3.82
CA ARG A 3 2.56 35.42 -4.42
C ARG A 3 3.77 36.29 -4.12
N LEU A 4 4.96 35.71 -4.15
CA LEU A 4 6.19 36.47 -3.93
C LEU A 4 6.57 37.27 -5.18
N GLU A 5 5.81 37.08 -6.25
CA GLU A 5 6.22 37.58 -7.55
C GLU A 5 5.00 37.76 -8.46
N THR A 6 5.04 38.76 -9.35
CA THR A 6 3.97 38.93 -10.32
C THR A 6 4.11 37.87 -11.39
N LEU A 7 3.01 37.57 -12.08
CA LEU A 7 3.05 36.58 -13.14
C LEU A 7 4.00 37.05 -14.23
N GLU A 8 3.93 38.34 -14.54
CA GLU A 8 4.75 38.93 -15.58
C GLU A 8 6.23 38.78 -15.28
N SER A 9 6.63 39.00 -14.03
CA SER A 9 8.02 38.80 -13.63
C SER A 9 8.44 37.34 -13.80
N ILE A 10 7.57 36.42 -13.41
CA ILE A 10 7.89 35.01 -13.55
C ILE A 10 8.07 34.64 -15.02
N LEU A 11 7.17 35.11 -15.87
CA LEU A 11 7.23 34.82 -17.29
C LEU A 11 8.47 35.44 -17.94
N GLU A 12 8.90 36.59 -17.43
CA GLU A 12 10.14 37.20 -17.92
C GLU A 12 11.26 36.19 -17.75
N ARG A 13 11.39 35.70 -16.52
CA ARG A 13 12.42 34.75 -16.13
C ARG A 13 12.29 33.47 -16.95
N LEU A 14 11.04 33.04 -17.16
CA LEU A 14 10.78 31.84 -17.93
C LEU A 14 11.28 31.95 -19.38
N ARG A 15 10.96 33.07 -20.03
CA ARG A 15 11.39 33.29 -21.39
C ARG A 15 12.92 33.33 -21.49
N MET A 16 13.59 33.69 -20.40
CA MET A 16 15.04 33.60 -20.32
C MET A 16 15.48 32.15 -20.45
N SER A 17 14.87 31.30 -19.62
CA SER A 17 15.32 29.93 -19.41
C SER A 17 15.17 29.04 -20.64
N ILE A 18 14.09 29.26 -21.40
CA ILE A 18 13.79 28.42 -22.55
C ILE A 18 14.76 28.63 -23.71
N LYS A 19 15.65 29.62 -23.57
CA LYS A 19 16.67 29.86 -24.57
C LYS A 19 18.01 29.29 -24.11
N LYS A 20 18.34 29.52 -22.84
CA LYS A 20 19.56 28.99 -22.23
C LYS A 20 19.60 27.47 -22.35
N ASN A 21 18.44 26.83 -22.26
CA ASN A 21 18.34 25.38 -22.32
C ASN A 21 18.05 24.87 -23.73
N GLY A 22 17.68 25.79 -24.62
CA GLY A 22 17.34 25.42 -25.98
C GLY A 22 15.83 25.38 -26.20
N ASN A 25 8.19 25.66 -28.10
CA ASN A 25 6.89 25.78 -27.46
C ASN A 25 6.95 26.62 -26.20
N SER A 26 7.57 27.79 -26.31
CA SER A 26 7.67 28.71 -25.17
C SER A 26 6.28 29.18 -24.75
N LYS A 27 5.36 29.22 -25.71
CA LYS A 27 4.00 29.67 -25.46
C LYS A 27 3.25 28.75 -24.50
N GLN A 28 3.38 27.44 -24.72
CA GLN A 28 2.65 26.46 -23.95
C GLN A 28 3.18 26.34 -22.52
N ARG A 29 4.50 26.49 -22.38
CA ARG A 29 5.12 26.59 -21.06
C ARG A 29 4.53 27.74 -20.28
N GLU A 30 4.45 28.91 -20.91
CA GLU A 30 3.90 30.11 -20.28
C GLU A 30 2.45 29.90 -19.85
N GLU A 31 1.67 29.22 -20.69
CA GLU A 31 0.27 28.93 -20.38
C GLU A 31 0.13 28.04 -19.15
N VAL A 32 0.98 27.02 -19.07
CA VAL A 32 0.97 26.13 -17.91
C VAL A 32 1.33 26.92 -16.66
N VAL A 33 2.40 27.72 -16.73
CA VAL A 33 2.75 28.55 -15.58
C VAL A 33 1.58 29.46 -15.21
N SER A 34 0.93 30.01 -16.22
CA SER A 34 -0.17 30.95 -16.01
C SER A 34 -1.35 30.26 -15.31
N VAL A 35 -1.68 29.06 -15.79
CA VAL A 35 -2.73 28.25 -15.16
C VAL A 35 -2.47 28.06 -13.66
N LEU A 36 -1.27 27.59 -13.33
CA LEU A 36 -0.89 27.41 -11.92
C LEU A 36 -0.89 28.72 -11.12
N TYR A 37 -0.41 29.79 -11.72
CA TYR A 37 -0.35 31.06 -11.01
C TYR A 37 -1.75 31.51 -10.61
N ARG A 38 -2.69 31.37 -11.53
CA ARG A 38 -4.06 31.81 -11.32
CA ARG A 38 -4.05 31.83 -11.29
C ARG A 38 -4.81 30.88 -10.37
N SER A 39 -4.24 29.71 -10.10
CA SER A 39 -4.93 28.71 -9.29
C SER A 39 -4.65 28.86 -7.79
N GLY A 40 -5.68 28.69 -6.98
CA GLY A 40 -5.54 28.69 -5.54
C GLY A 40 -5.38 27.29 -4.95
N THR A 41 -5.31 26.29 -5.83
CA THR A 41 -5.17 24.91 -5.39
C THR A 41 -3.94 24.22 -6.01
N HIS A 42 -3.64 23.03 -5.51
CA HIS A 42 -2.58 22.20 -6.09
C HIS A 42 -3.23 21.34 -7.18
N LEU A 43 -2.70 21.43 -8.39
CA LEU A 43 -3.35 20.85 -9.55
C LEU A 43 -2.66 19.59 -10.05
N SER A 44 -3.44 18.59 -10.46
CA SER A 44 -2.89 17.40 -11.08
C SER A 44 -2.59 17.68 -12.55
N PRO A 45 -1.67 16.91 -13.14
CA PRO A 45 -1.42 16.99 -14.58
C PRO A 45 -2.71 16.89 -15.39
N GLU A 46 -3.63 16.03 -14.95
CA GLU A 46 -4.92 15.89 -15.63
C GLU A 46 -5.70 17.21 -15.68
N GLU A 47 -5.83 17.88 -14.54
CA GLU A 47 -6.58 19.14 -14.49
C GLU A 47 -5.89 20.24 -15.28
N ILE A 48 -4.56 20.31 -15.17
CA ILE A 48 -3.79 21.28 -15.94
C ILE A 48 -4.04 21.08 -17.43
N THR A 49 -3.98 19.82 -17.85
CA THR A 49 -4.24 19.48 -19.25
C THR A 49 -5.64 19.94 -19.65
N HIS A 50 -6.63 19.59 -18.83
CA HIS A 50 -8.00 20.01 -19.07
C HIS A 50 -8.12 21.52 -19.29
N SER A 51 -7.50 22.32 -18.42
CA SER A 51 -7.50 23.77 -18.62
C SER A 51 -6.88 24.17 -19.96
N ILE A 52 -5.72 23.61 -20.27
CA ILE A 52 -5.05 23.90 -21.54
C ILE A 52 -5.92 23.52 -22.73
N ARG A 53 -6.66 22.42 -22.61
CA ARG A 53 -7.50 21.93 -23.71
C ARG A 53 -8.65 22.88 -24.06
N GLN A 54 -9.03 23.72 -23.10
CA GLN A 54 -10.08 24.70 -23.35
C GLN A 54 -9.71 25.65 -24.48
N LYS A 55 -8.44 26.05 -24.53
CA LYS A 55 -7.96 26.92 -25.58
C LYS A 55 -7.29 26.12 -26.70
N ASP A 56 -6.66 25.00 -26.33
CA ASP A 56 -5.98 24.15 -27.29
C ASP A 56 -6.51 22.74 -27.23
N LYS A 57 -7.59 22.47 -27.95
CA LYS A 57 -8.18 21.15 -27.94
C LYS A 57 -7.21 20.14 -28.54
N ASN A 58 -7.27 18.90 -28.07
CA ASN A 58 -6.45 17.81 -28.58
C ASN A 58 -5.00 17.84 -28.09
N THR A 59 -4.72 18.67 -27.09
CA THR A 59 -3.42 18.63 -26.44
C THR A 59 -3.30 17.31 -25.68
N SER A 60 -2.14 16.67 -25.76
CA SER A 60 -1.94 15.41 -25.08
C SER A 60 -1.40 15.64 -23.67
N ILE A 61 -1.85 14.81 -22.74
CA ILE A 61 -1.37 14.91 -21.37
C ILE A 61 0.14 14.71 -21.35
N SER A 62 0.67 13.96 -22.32
CA SER A 62 2.09 13.67 -22.37
C SER A 62 2.90 14.95 -22.58
N SER A 63 2.36 15.88 -23.33
CA SER A 63 3.07 17.14 -23.56
C SER A 63 3.05 18.01 -22.30
N VAL A 64 1.97 17.91 -21.53
CA VAL A 64 1.88 18.65 -20.28
C VAL A 64 2.88 18.11 -19.27
N TYR A 65 3.01 16.78 -19.19
CA TYR A 65 3.99 16.18 -18.29
C TYR A 65 5.39 16.65 -18.62
N ARG A 66 5.71 16.73 -19.91
CA ARG A 66 7.04 17.13 -20.33
C ARG A 66 7.29 18.56 -19.88
N ILE A 67 6.27 19.41 -20.05
CA ILE A 67 6.35 20.77 -19.57
C ILE A 67 6.51 20.82 -18.04
N LEU A 68 5.67 20.09 -17.31
CA LEU A 68 5.72 20.13 -15.85
C LEU A 68 7.08 19.69 -15.33
N ASN A 69 7.68 18.70 -15.98
CA ASN A 69 8.98 18.21 -15.54
C ASN A 69 10.05 19.29 -15.70
N PHE A 70 10.02 20.00 -16.82
CA PHE A 70 10.96 21.09 -17.07
C PHE A 70 10.79 22.23 -16.06
N LEU A 71 9.54 22.65 -15.88
CA LEU A 71 9.20 23.73 -14.96
C LEU A 71 9.60 23.42 -13.52
N GLU A 72 9.38 22.17 -13.12
CA GLU A 72 9.74 21.75 -11.78
C GLU A 72 11.26 21.72 -11.64
N LYS A 73 11.92 21.21 -12.67
CA LYS A 73 13.37 21.10 -12.69
C LYS A 73 14.02 22.48 -12.51
N GLU A 74 13.47 23.47 -13.20
CA GLU A 74 14.01 24.83 -13.22
C GLU A 74 13.39 25.74 -12.15
N ASN A 75 12.62 25.15 -11.24
CA ASN A 75 12.13 25.84 -10.05
C ASN A 75 11.00 26.86 -10.25
N PHE A 76 10.30 26.77 -11.36
CA PHE A 76 9.13 27.61 -11.58
C PHE A 76 7.90 27.07 -10.85
N ILE A 77 7.87 25.76 -10.67
CA ILE A 77 6.75 25.14 -9.98
C ILE A 77 7.27 24.09 -9.01
N SER A 78 6.45 23.73 -8.03
CA SER A 78 6.85 22.71 -7.08
C SER A 78 5.81 21.60 -7.07
N VAL A 79 6.23 20.43 -6.64
CA VAL A 79 5.34 19.27 -6.63
C VAL A 79 5.07 18.76 -5.22
N LEU A 80 3.82 18.35 -5.00
CA LEU A 80 3.43 17.71 -3.77
C LEU A 80 2.95 16.32 -4.18
N GLU A 81 3.58 15.29 -3.64
CA GLU A 81 3.25 13.92 -4.06
C GLU A 81 2.99 13.00 -2.89
N THR A 82 1.80 12.43 -2.86
CA THR A 82 1.45 11.41 -1.88
C THR A 82 0.75 10.24 -2.59
N SER A 83 0.73 9.09 -1.94
CA SER A 83 0.03 7.94 -2.50
C SER A 83 -1.43 8.26 -2.74
N LYS A 84 -2.07 8.86 -1.74
CA LYS A 84 -3.49 9.18 -1.81
C LYS A 84 -3.81 10.21 -2.88
N SER A 85 -3.04 11.29 -2.94
CA SER A 85 -3.37 12.42 -3.81
C SER A 85 -2.62 12.38 -5.15
N GLY A 86 -1.65 11.49 -5.29
CA GLY A 86 -0.84 11.43 -6.48
C GLY A 86 0.10 12.61 -6.53
N ARG A 87 0.45 13.07 -7.73
CA ARG A 87 1.28 14.26 -7.87
CA ARG A 87 1.27 14.25 -7.88
C ARG A 87 0.42 15.48 -8.15
N ARG A 88 0.62 16.53 -7.38
CA ARG A 88 -0.07 17.79 -7.62
C ARG A 88 0.95 18.93 -7.63
N TYR A 89 0.65 19.96 -8.40
CA TYR A 89 1.61 21.04 -8.63
C TYR A 89 1.08 22.39 -8.20
N GLU A 90 1.99 23.31 -7.90
CA GLU A 90 1.62 24.66 -7.56
C GLU A 90 2.72 25.62 -7.99
N ILE A 91 2.36 26.87 -8.15
CA ILE A 91 3.34 27.89 -8.49
C ILE A 91 4.40 27.97 -7.39
N ALA A 92 5.66 28.11 -7.78
CA ALA A 92 6.74 28.12 -6.80
C ALA A 92 6.83 29.43 -6.05
N ALA A 93 6.34 30.51 -6.66
CA ALA A 93 6.46 31.85 -6.09
C ALA A 93 5.45 32.11 -4.97
N LYS A 94 5.51 31.28 -3.92
CA LYS A 94 4.68 31.48 -2.75
C LYS A 94 5.57 31.35 -1.52
N GLU A 95 5.19 31.99 -0.43
CA GLU A 95 5.98 31.88 0.78
C GLU A 95 6.05 30.41 1.21
N HIS A 96 7.11 30.05 1.92
CA HIS A 96 7.27 28.68 2.35
C HIS A 96 6.06 28.19 3.14
N HIS A 97 5.68 26.94 2.89
CA HIS A 97 4.64 26.32 3.68
C HIS A 97 4.76 24.82 3.60
N ASP A 98 4.17 24.15 4.56
CA ASP A 98 4.14 22.69 4.56
C ASP A 98 2.71 22.22 4.36
N HIS A 99 2.49 20.91 4.33
CA HIS A 99 1.18 20.39 3.96
C HIS A 99 0.62 19.36 4.92
N ILE A 100 -0.68 19.50 5.17
CA ILE A 100 -1.50 18.47 5.78
C ILE A 100 -2.34 17.84 4.67
N ILE A 101 -2.43 16.51 4.64
CA ILE A 101 -3.21 15.82 3.62
C ILE A 101 -4.14 14.78 4.25
N CYS A 102 -5.42 14.84 3.91
CA CYS A 102 -6.36 13.84 4.41
C CYS A 102 -6.23 12.51 3.68
N LEU A 103 -6.04 11.44 4.45
CA LEU A 103 -5.85 10.11 3.91
C LEU A 103 -7.12 9.55 3.27
N HIS A 104 -8.27 10.10 3.63
CA HIS A 104 -9.54 9.59 3.12
C HIS A 104 -10.06 10.34 1.89
N CYS A 105 -10.14 11.66 1.97
CA CYS A 105 -10.69 12.48 0.89
C CYS A 105 -9.64 13.19 0.03
N GLY A 106 -8.40 13.24 0.51
CA GLY A 106 -7.32 13.82 -0.28
C GLY A 106 -7.19 15.33 -0.16
N LYS A 107 -8.05 15.91 0.66
CA LYS A 107 -8.01 17.35 0.91
C LYS A 107 -6.62 17.80 1.39
N ILE A 108 -6.15 18.93 0.87
CA ILE A 108 -4.85 19.48 1.24
C ILE A 108 -5.00 20.79 2.02
N ILE A 109 -4.33 20.88 3.18
CA ILE A 109 -4.33 22.09 3.98
C ILE A 109 -2.89 22.64 4.11
N GLU A 110 -2.70 23.91 3.76
CA GLU A 110 -1.37 24.51 3.86
C GLU A 110 -1.15 25.13 5.24
N PHE A 111 0.09 25.06 5.72
CA PHE A 111 0.42 25.68 7.01
C PHE A 111 1.88 26.07 7.05
N ALA A 112 2.19 27.02 7.92
CA ALA A 112 3.56 27.42 8.17
C ALA A 112 3.65 27.89 9.62
N ASP A 113 4.24 27.05 10.47
CA ASP A 113 4.28 27.29 11.90
C ASP A 113 5.66 27.80 12.33
N PRO A 114 5.74 29.08 12.70
CA PRO A 114 7.02 29.71 13.05
C PRO A 114 7.78 28.90 14.10
N GLU A 115 7.07 28.29 15.04
CA GLU A 115 7.72 27.57 16.13
C GLU A 115 8.33 26.25 15.64
N ILE A 116 7.61 25.58 14.75
CA ILE A 116 8.15 24.37 14.14
C ILE A 116 9.41 24.69 13.33
N GLU A 117 9.34 25.76 12.53
CA GLU A 117 10.48 26.15 11.72
C GLU A 117 11.68 26.48 12.61
N ASN A 118 11.42 27.18 13.72
CA ASN A 118 12.51 27.53 14.63
C ASN A 118 13.11 26.28 15.23
N ARG A 119 12.26 25.37 15.69
CA ARG A 119 12.72 24.18 16.38
C ARG A 119 13.53 23.28 15.45
N GLN A 120 13.17 23.24 14.18
CA GLN A 120 13.93 22.47 13.20
C GLN A 120 15.37 22.99 13.13
N ASN A 121 15.52 24.29 13.31
CA ASN A 121 16.85 24.89 13.27
C ASN A 121 17.65 24.56 14.53
N GLU A 122 16.99 24.56 15.68
CA GLU A 122 17.63 24.19 16.94
C GLU A 122 18.10 22.73 16.90
N VAL A 123 17.28 21.87 16.31
CA VAL A 123 17.58 20.44 16.26
C VAL A 123 18.81 20.13 15.42
N VAL A 124 18.91 20.78 14.26
CA VAL A 124 20.03 20.54 13.37
C VAL A 124 21.34 21.08 13.96
N LYS A 125 21.24 22.14 14.76
CA LYS A 125 22.42 22.71 15.39
C LYS A 125 23.08 21.72 16.35
N LYS A 126 22.26 20.84 16.93
CA LYS A 126 22.77 19.82 17.83
C LYS A 126 23.78 18.90 17.12
N TYR A 127 23.62 18.76 15.82
CA TYR A 127 24.53 17.93 15.03
C TYR A 127 25.53 18.80 14.29
N GLN A 128 25.51 20.09 14.59
CA GLN A 128 26.39 21.03 13.92
C GLN A 128 26.30 20.85 12.40
N ALA A 129 25.09 20.59 11.92
CA ALA A 129 24.82 20.54 10.49
C ALA A 129 24.14 21.83 10.04
N LYS A 130 24.14 22.09 8.74
CA LYS A 130 23.53 23.29 8.19
C LYS A 130 22.25 22.96 7.45
N LEU A 131 21.12 23.49 7.92
CA LEU A 131 19.83 23.21 7.29
C LEU A 131 19.69 23.92 5.95
N ILE A 132 19.54 23.13 4.90
CA ILE A 132 19.37 23.66 3.55
C ILE A 132 17.90 23.75 3.19
N SER A 133 17.15 22.69 3.48
CA SER A 133 15.72 22.68 3.20
C SER A 133 15.05 21.55 3.96
N HIS A 134 13.73 21.50 3.90
CA HIS A 134 13.03 20.39 4.50
C HIS A 134 11.76 20.07 3.75
N ASP A 135 11.17 18.93 4.07
CA ASP A 135 9.91 18.57 3.49
C ASP A 135 9.10 17.90 4.59
N MET A 136 7.93 18.47 4.86
CA MET A 136 7.13 18.03 6.00
C MET A 136 5.70 17.83 5.52
N LYS A 137 5.20 16.60 5.68
CA LYS A 137 3.83 16.27 5.35
C LYS A 137 3.19 15.58 6.53
N MET A 138 1.97 16.01 6.86
CA MET A 138 1.20 15.38 7.92
C MET A 138 0.01 14.72 7.28
N PHE A 139 -0.19 13.44 7.57
CA PHE A 139 -1.32 12.72 7.01
C PHE A 139 -2.36 12.54 8.11
N VAL A 140 -3.61 12.88 7.80
CA VAL A 140 -4.64 13.01 8.82
C VAL A 140 -5.98 12.43 8.40
N TRP A 141 -6.90 12.37 9.34
CA TRP A 141 -8.32 12.30 9.03
C TRP A 141 -8.88 13.69 9.29
N CYS A 142 -9.36 14.35 8.23
CA CYS A 142 -9.81 15.72 8.35
C CYS A 142 -11.15 15.83 9.07
N LYS A 143 -11.48 17.04 9.52
CA LYS A 143 -12.68 17.29 10.29
C LYS A 143 -13.92 16.72 9.62
N GLU A 144 -14.04 16.92 8.31
CA GLU A 144 -15.25 16.55 7.58
C GLU A 144 -15.38 15.04 7.38
N CYS A 145 -14.25 14.36 7.27
CA CYS A 145 -14.27 12.93 7.05
C CYS A 145 -14.62 12.19 8.35
N GLN A 146 -14.27 12.82 9.48
CA GLN A 146 -14.53 12.23 10.78
C GLN A 146 -15.99 12.40 11.21
N GLU A 147 -16.66 13.38 10.61
CA GLU A 147 -18.05 13.65 10.97
C GLU A 147 -19.05 12.66 10.38
N SER A 148 -19.91 12.14 11.26
CA SER A 148 -20.97 11.23 10.87
C SER A 148 -21.98 11.91 9.95
N MET B 1 20.60 -2.94 19.29
CA MET B 1 19.51 -2.48 18.43
C MET B 1 18.14 -2.78 19.05
N LYS B 2 17.18 -1.90 18.76
CA LYS B 2 15.81 -2.10 19.21
C LYS B 2 14.92 -2.34 18.01
N ARG B 3 14.30 -3.51 17.95
CA ARG B 3 13.42 -3.86 16.85
C ARG B 3 12.03 -4.19 17.38
N LEU B 4 11.01 -3.88 16.58
CA LEU B 4 9.63 -4.13 16.98
C LEU B 4 9.17 -5.57 16.71
N GLU B 5 9.99 -6.34 16.01
CA GLU B 5 9.65 -7.72 15.65
C GLU B 5 10.95 -8.51 15.55
N THR B 6 10.89 -9.81 15.74
CA THR B 6 12.09 -10.65 15.59
C THR B 6 12.36 -10.94 14.12
N LEU B 7 13.62 -11.20 13.81
CA LEU B 7 13.97 -11.57 12.46
C LEU B 7 13.29 -12.90 12.11
N GLU B 8 13.28 -13.83 13.06
CA GLU B 8 12.64 -15.13 12.85
C GLU B 8 11.17 -14.98 12.45
N SER B 9 10.48 -14.07 13.13
CA SER B 9 9.07 -13.82 12.85
C SER B 9 8.94 -13.22 11.45
N ILE B 10 9.77 -12.24 11.16
CA ILE B 10 9.76 -11.62 9.85
C ILE B 10 10.02 -12.64 8.74
N LEU B 11 11.00 -13.51 8.94
CA LEU B 11 11.33 -14.55 7.95
C LEU B 11 10.16 -15.51 7.72
N GLU B 12 9.48 -15.90 8.80
CA GLU B 12 8.34 -16.79 8.66
C GLU B 12 7.22 -16.14 7.84
N ARG B 13 6.94 -14.86 8.11
CA ARG B 13 5.95 -14.11 7.33
C ARG B 13 6.37 -13.99 5.88
N LEU B 14 7.65 -13.70 5.66
CA LEU B 14 8.19 -13.61 4.32
C LEU B 14 8.03 -14.92 3.57
N ARG B 15 8.43 -16.02 4.21
CA ARG B 15 8.30 -17.34 3.61
C ARG B 15 6.84 -17.68 3.27
N MET B 16 5.91 -17.24 4.11
CA MET B 16 4.49 -17.49 3.87
C MET B 16 4.01 -16.69 2.65
N SER B 17 4.45 -15.44 2.55
CA SER B 17 4.09 -14.56 1.44
C SER B 17 4.68 -15.07 0.14
N ILE B 18 5.89 -15.61 0.22
CA ILE B 18 6.58 -16.16 -0.93
C ILE B 18 5.82 -17.36 -1.47
N LYS B 19 5.48 -18.28 -0.58
CA LYS B 19 4.71 -19.46 -0.96
C LYS B 19 3.34 -19.08 -1.49
N LYS B 20 2.71 -18.11 -0.83
CA LYS B 20 1.39 -17.64 -1.23
C LYS B 20 1.38 -17.13 -2.67
N ASN B 21 2.41 -16.37 -3.04
CA ASN B 21 2.50 -15.79 -4.38
C ASN B 21 3.24 -16.69 -5.36
N GLY B 22 3.76 -17.82 -4.87
CA GLY B 22 4.54 -18.71 -5.70
C GLY B 22 5.80 -18.04 -6.24
N LEU B 23 6.43 -17.22 -5.40
CA LEU B 23 7.62 -16.48 -5.83
C LEU B 23 8.89 -17.31 -5.78
N LYS B 24 9.84 -16.98 -6.65
CA LYS B 24 11.12 -17.66 -6.68
C LYS B 24 12.18 -16.84 -5.96
N ASN B 25 13.38 -17.43 -5.83
CA ASN B 25 14.53 -16.79 -5.19
C ASN B 25 14.35 -16.45 -3.71
N SER B 26 13.75 -17.36 -2.95
CA SER B 26 13.57 -17.17 -1.51
C SER B 26 14.87 -16.74 -0.81
N LYS B 27 15.97 -17.35 -1.22
CA LYS B 27 17.27 -17.15 -0.59
C LYS B 27 17.71 -15.68 -0.54
N GLN B 28 17.62 -15.00 -1.68
CA GLN B 28 18.06 -13.61 -1.76
C GLN B 28 17.07 -12.65 -1.11
N ARG B 29 15.77 -12.95 -1.20
CA ARG B 29 14.77 -12.13 -0.52
C ARG B 29 15.08 -12.15 0.97
N GLU B 30 15.35 -13.34 1.49
CA GLU B 30 15.70 -13.50 2.91
C GLU B 30 17.00 -12.76 3.25
N GLU B 31 17.98 -12.83 2.37
CA GLU B 31 19.25 -12.15 2.60
C GLU B 31 19.12 -10.63 2.70
N VAL B 32 18.41 -10.04 1.75
CA VAL B 32 18.20 -8.61 1.75
C VAL B 32 17.54 -8.17 3.05
N VAL B 33 16.51 -8.90 3.46
CA VAL B 33 15.79 -8.58 4.68
C VAL B 33 16.67 -8.74 5.92
N SER B 34 17.50 -9.77 5.93
CA SER B 34 18.41 -10.00 7.06
C SER B 34 19.51 -8.92 7.13
N VAL B 35 20.05 -8.54 5.99
CA VAL B 35 21.06 -7.47 5.95
C VAL B 35 20.51 -6.18 6.56
N LEU B 36 19.31 -5.79 6.14
CA LEU B 36 18.69 -4.59 6.69
C LEU B 36 18.34 -4.72 8.17
N TYR B 37 17.90 -5.91 8.57
CA TYR B 37 17.52 -6.12 9.96
C TYR B 37 18.71 -5.92 10.89
N ARG B 38 19.85 -6.47 10.50
CA ARG B 38 21.06 -6.43 11.31
C ARG B 38 21.74 -5.06 11.31
N SER B 39 21.54 -4.31 10.24
CA SER B 39 22.22 -3.01 10.07
C SER B 39 21.57 -1.89 10.86
N GLY B 40 20.24 -1.91 10.92
CA GLY B 40 19.47 -0.79 11.43
C GLY B 40 19.61 0.41 10.53
N THR B 41 20.63 0.39 9.69
CA THR B 41 21.07 1.57 8.96
C THR B 41 20.48 1.64 7.54
N HIS B 42 20.57 2.81 6.93
CA HIS B 42 19.91 3.08 5.65
C HIS B 42 20.84 2.80 4.48
N LEU B 43 20.48 1.79 3.69
CA LEU B 43 21.29 1.36 2.56
C LEU B 43 20.64 1.61 1.20
N SER B 44 21.47 1.93 0.22
CA SER B 44 21.03 2.12 -1.16
C SER B 44 20.93 0.78 -1.89
N PRO B 45 20.09 0.72 -2.93
CA PRO B 45 19.94 -0.51 -3.74
C PRO B 45 21.30 -1.02 -4.17
N GLU B 46 22.19 -0.10 -4.51
CA GLU B 46 23.54 -0.44 -4.90
C GLU B 46 24.32 -1.07 -3.74
N GLU B 47 24.15 -0.53 -2.54
CA GLU B 47 24.84 -1.07 -1.37
C GLU B 47 24.27 -2.43 -0.95
N ILE B 48 23.00 -2.66 -1.27
CA ILE B 48 22.36 -3.92 -0.93
C ILE B 48 22.77 -5.01 -1.93
N THR B 49 22.77 -4.64 -3.21
CA THR B 49 23.23 -5.53 -4.28
C THR B 49 24.69 -5.90 -4.04
N HIS B 50 25.50 -4.91 -3.68
CA HIS B 50 26.88 -5.16 -3.31
C HIS B 50 26.96 -6.17 -2.18
N SER B 51 26.12 -5.97 -1.17
CA SER B 51 26.16 -6.78 0.04
C SER B 51 25.83 -8.26 -0.18
N ILE B 52 24.80 -8.54 -0.98
CA ILE B 52 24.39 -9.92 -1.21
C ILE B 52 25.12 -10.52 -2.42
N ARG B 53 25.81 -9.68 -3.19
CA ARG B 53 26.54 -10.20 -4.34
C ARG B 53 27.75 -11.02 -3.88
N GLN B 54 28.33 -10.59 -2.76
CA GLN B 54 29.45 -11.29 -2.14
C GLN B 54 29.21 -12.78 -1.95
N LYS B 55 27.94 -13.19 -1.91
CA LYS B 55 27.60 -14.59 -1.68
C LYS B 55 27.20 -15.34 -2.94
N ASP B 56 26.72 -14.59 -3.95
CA ASP B 56 26.15 -15.18 -5.15
C ASP B 56 26.33 -14.21 -6.32
N LYS B 57 27.21 -14.57 -7.25
CA LYS B 57 27.58 -13.65 -8.33
C LYS B 57 26.44 -13.44 -9.34
N ASN B 58 25.40 -14.26 -9.25
CA ASN B 58 24.27 -14.19 -10.16
C ASN B 58 23.38 -12.96 -9.91
N THR B 59 23.64 -12.26 -8.81
CA THR B 59 22.83 -11.13 -8.40
C THR B 59 22.91 -9.95 -9.37
N SER B 60 21.76 -9.46 -9.80
CA SER B 60 21.70 -8.22 -10.58
C SER B 60 20.88 -7.18 -9.82
N ILE B 61 21.12 -5.91 -10.11
CA ILE B 61 20.36 -4.84 -9.44
C ILE B 61 18.88 -4.89 -9.83
N SER B 62 18.59 -5.36 -11.04
CA SER B 62 17.21 -5.50 -11.51
C SER B 62 16.44 -6.49 -10.64
N SER B 63 17.11 -7.57 -10.25
CA SER B 63 16.50 -8.59 -9.39
C SER B 63 16.29 -8.03 -8.00
N VAL B 64 17.26 -7.25 -7.53
CA VAL B 64 17.18 -6.64 -6.21
C VAL B 64 16.01 -5.66 -6.11
N TYR B 65 15.79 -4.88 -7.18
CA TYR B 65 14.65 -3.97 -7.21
C TYR B 65 13.33 -4.71 -7.12
N ARG B 66 13.23 -5.83 -7.82
CA ARG B 66 12.05 -6.68 -7.72
C ARG B 66 11.87 -7.14 -6.28
N ILE B 67 12.99 -7.37 -5.60
CA ILE B 67 13.00 -7.83 -4.22
C ILE B 67 12.61 -6.71 -3.25
N LEU B 68 13.24 -5.56 -3.43
CA LEU B 68 13.00 -4.41 -2.60
C LEU B 68 11.57 -3.91 -2.75
N ASN B 69 11.01 -4.03 -3.95
CA ASN B 69 9.64 -3.62 -4.19
C ASN B 69 8.66 -4.59 -3.54
N PHE B 70 8.95 -5.88 -3.65
CA PHE B 70 8.19 -6.90 -2.94
C PHE B 70 8.26 -6.64 -1.43
N LEU B 71 9.46 -6.44 -0.91
CA LEU B 71 9.66 -6.26 0.52
C LEU B 71 9.01 -4.96 1.01
N GLU B 72 9.13 -3.90 0.20
CA GLU B 72 8.49 -2.63 0.48
C GLU B 72 6.97 -2.75 0.49
N LYS B 73 6.43 -3.47 -0.49
CA LYS B 73 4.98 -3.64 -0.63
C LYS B 73 4.38 -4.42 0.53
N GLU B 74 5.11 -5.42 1.00
CA GLU B 74 4.64 -6.29 2.08
C GLU B 74 4.98 -5.68 3.45
N ASN B 75 5.48 -4.45 3.42
CA ASN B 75 5.82 -3.69 4.61
C ASN B 75 6.95 -4.26 5.45
N PHE B 76 7.80 -5.08 4.82
CA PHE B 76 8.96 -5.62 5.50
C PHE B 76 10.05 -4.56 5.64
N ILE B 77 10.14 -3.68 4.66
CA ILE B 77 11.13 -2.62 4.71
C ILE B 77 10.49 -1.26 4.42
N SER B 78 11.22 -0.20 4.80
CA SER B 78 10.77 1.17 4.56
C SER B 78 11.71 1.84 3.56
N VAL B 79 11.15 2.66 2.69
CA VAL B 79 11.97 3.40 1.72
C VAL B 79 12.07 4.88 2.08
N LEU B 80 13.27 5.44 1.92
CA LEU B 80 13.49 6.87 2.11
C LEU B 80 13.93 7.48 0.80
N GLU B 81 13.18 8.47 0.32
CA GLU B 81 13.57 9.19 -0.90
C GLU B 81 14.55 10.31 -0.56
N THR B 82 15.80 10.15 -0.98
CA THR B 82 16.86 11.12 -0.69
C THR B 82 17.05 12.12 -1.83
N SER B 83 16.58 11.76 -3.01
CA SER B 83 16.67 12.63 -4.18
C SER B 83 15.42 12.46 -5.04
N LYS B 84 15.54 12.80 -6.32
CA LYS B 84 14.47 12.59 -7.28
C LYS B 84 14.24 11.09 -7.46
N SER B 85 15.34 10.33 -7.39
CA SER B 85 15.27 8.88 -7.41
C SER B 85 16.15 8.28 -6.32
N GLY B 86 17.15 9.03 -5.88
CA GLY B 86 17.98 8.60 -4.78
C GLY B 86 17.07 8.01 -3.72
N ARG B 87 17.27 6.75 -3.40
CA ARG B 87 16.48 6.15 -2.32
C ARG B 87 17.30 5.19 -1.47
N ARG B 88 16.89 5.08 -0.22
CA ARG B 88 17.56 4.18 0.71
C ARG B 88 16.53 3.41 1.50
N TYR B 89 16.95 2.28 2.04
CA TYR B 89 16.04 1.33 2.64
C TYR B 89 16.48 0.94 4.04
N GLU B 90 15.52 0.65 4.90
CA GLU B 90 15.79 0.17 6.24
C GLU B 90 14.71 -0.82 6.61
N ILE B 91 14.99 -1.61 7.64
CA ILE B 91 14.00 -2.56 8.15
C ILE B 91 12.80 -1.76 8.65
N ALA B 92 11.59 -2.28 8.42
CA ALA B 92 10.40 -1.53 8.80
C ALA B 92 10.16 -1.61 10.31
N ALA B 93 10.69 -2.65 10.95
CA ALA B 93 10.41 -2.90 12.36
C ALA B 93 11.28 -2.07 13.32
N LYS B 94 11.28 -0.75 13.14
CA LYS B 94 11.99 0.15 14.04
C LYS B 94 11.05 1.17 14.66
N GLU B 95 11.41 1.70 15.82
CA GLU B 95 10.63 2.78 16.44
C GLU B 95 10.62 4.00 15.53
N HIS B 96 9.54 4.77 15.62
CA HIS B 96 9.39 5.93 14.77
C HIS B 96 10.55 6.89 14.85
N HIS B 97 10.96 7.41 13.71
CA HIS B 97 11.95 8.46 13.68
C HIS B 97 11.85 9.21 12.37
N ASP B 98 12.41 10.42 12.37
CA ASP B 98 12.48 11.21 11.16
C ASP B 98 13.93 11.27 10.70
N HIS B 99 14.20 11.97 9.60
CA HIS B 99 15.53 11.89 9.00
C HIS B 99 16.15 13.20 8.66
N ILE B 100 17.40 13.36 9.09
CA ILE B 100 18.29 14.40 8.61
C ILE B 100 19.15 13.77 7.51
N ILE B 101 19.18 14.39 6.34
CA ILE B 101 19.84 13.83 5.16
C ILE B 101 20.90 14.77 4.61
N CYS B 102 22.16 14.36 4.60
CA CYS B 102 23.20 15.23 4.04
C CYS B 102 23.23 15.18 2.52
N LEU B 103 22.96 16.33 1.89
CA LEU B 103 22.90 16.46 0.44
C LEU B 103 24.25 16.12 -0.20
N HIS B 104 25.33 16.41 0.51
CA HIS B 104 26.67 16.28 -0.06
C HIS B 104 27.10 14.82 -0.15
N CYS B 105 27.20 14.16 1.01
CA CYS B 105 27.78 12.82 1.09
C CYS B 105 26.73 11.71 1.19
N GLY B 106 25.52 12.05 1.61
CA GLY B 106 24.46 11.08 1.71
C GLY B 106 24.23 10.53 3.10
N LYS B 107 25.01 10.97 4.07
CA LYS B 107 24.84 10.55 5.45
C LYS B 107 23.39 10.70 5.93
N ILE B 108 22.87 9.70 6.65
CA ILE B 108 21.54 9.79 7.23
C ILE B 108 21.62 9.81 8.75
N ILE B 109 20.96 10.79 9.36
CA ILE B 109 20.91 10.87 10.82
C ILE B 109 19.46 10.77 11.28
N GLU B 110 19.19 9.78 12.14
CA GLU B 110 17.86 9.60 12.70
C GLU B 110 17.65 10.56 13.84
N PHE B 111 16.41 11.05 13.97
CA PHE B 111 16.06 11.86 15.13
C PHE B 111 14.58 11.72 15.43
N ALA B 112 14.22 11.97 16.68
CA ALA B 112 12.82 12.03 17.09
C ALA B 112 12.71 13.08 18.18
N ASP B 113 12.32 14.29 17.78
CA ASP B 113 12.28 15.41 18.72
C ASP B 113 10.89 15.60 19.32
N PRO B 114 10.79 15.46 20.64
CA PRO B 114 9.49 15.59 21.31
C PRO B 114 8.78 16.89 20.99
N GLU B 115 9.49 18.01 20.95
CA GLU B 115 8.81 19.28 20.69
C GLU B 115 8.19 19.34 19.29
N ILE B 116 8.94 18.88 18.29
CA ILE B 116 8.40 18.81 16.93
C ILE B 116 7.22 17.84 16.88
N GLU B 117 7.39 16.65 17.44
CA GLU B 117 6.32 15.65 17.48
C GLU B 117 5.04 16.25 18.06
N ASN B 118 5.17 16.91 19.21
CA ASN B 118 4.01 17.53 19.85
C ASN B 118 3.41 18.68 19.04
N ARG B 119 4.26 19.61 18.59
CA ARG B 119 3.75 20.75 17.83
C ARG B 119 2.99 20.31 16.58
N GLN B 120 3.41 19.21 15.97
CA GLN B 120 2.74 18.73 14.77
C GLN B 120 1.29 18.40 15.06
N ASN B 121 1.06 17.77 16.21
CA ASN B 121 -0.27 17.39 16.65
C ASN B 121 -1.09 18.64 16.90
N GLU B 122 -0.47 19.61 17.58
CA GLU B 122 -1.10 20.90 17.87
C GLU B 122 -1.60 21.60 16.61
N VAL B 123 -0.73 21.71 15.62
CA VAL B 123 -1.10 22.30 14.34
C VAL B 123 -2.33 21.61 13.73
N VAL B 124 -2.27 20.29 13.64
CA VAL B 124 -3.35 19.51 13.04
C VAL B 124 -4.66 19.71 13.81
N LYS B 125 -4.58 19.67 15.13
CA LYS B 125 -5.76 19.88 15.97
C LYS B 125 -6.39 21.27 15.79
N LYS B 126 -5.59 22.23 15.35
CA LYS B 126 -6.14 23.55 15.04
C LYS B 126 -7.21 23.44 13.94
N TYR B 127 -7.14 22.35 13.17
CA TYR B 127 -8.09 22.12 12.08
C TYR B 127 -9.10 21.04 12.48
N GLN B 128 -9.05 20.63 13.74
CA GLN B 128 -9.89 19.56 14.23
C GLN B 128 -9.68 18.32 13.37
N ALA B 129 -8.43 18.10 12.98
CA ALA B 129 -8.05 16.89 12.27
C ALA B 129 -7.40 15.91 13.25
N LYS B 130 -7.21 14.67 12.81
CA LYS B 130 -6.57 13.66 13.62
C LYS B 130 -5.28 13.24 12.94
N LEU B 131 -4.16 13.39 13.64
CA LEU B 131 -2.86 13.06 13.07
C LEU B 131 -2.65 11.54 13.02
N ILE B 132 -2.51 11.02 11.81
CA ILE B 132 -2.29 9.58 11.61
C ILE B 132 -0.80 9.23 11.46
N SER B 133 -0.11 9.95 10.57
CA SER B 133 1.31 9.74 10.41
C SER B 133 1.90 10.98 9.76
N HIS B 134 3.20 10.99 9.58
CA HIS B 134 3.82 12.14 8.95
C HIS B 134 5.12 11.73 8.30
N ASP B 135 5.59 12.59 7.39
CA ASP B 135 6.79 12.31 6.63
C ASP B 135 7.56 13.60 6.74
N MET B 136 8.74 13.52 7.34
CA MET B 136 9.46 14.73 7.68
C MET B 136 10.92 14.46 7.46
N LYS B 137 11.55 15.25 6.60
CA LYS B 137 12.98 15.11 6.43
C LYS B 137 13.62 16.46 6.28
N MET B 138 14.82 16.57 6.83
CA MET B 138 15.56 17.81 6.76
C MET B 138 16.84 17.55 5.99
N PHE B 139 17.05 18.35 4.95
CA PHE B 139 18.23 18.20 4.11
C PHE B 139 19.29 19.20 4.55
N VAL B 140 20.51 18.70 4.75
CA VAL B 140 21.55 19.51 5.37
C VAL B 140 22.90 19.39 4.68
N TRP B 141 23.83 20.25 5.08
CA TRP B 141 25.25 19.99 4.88
C TRP B 141 25.77 19.56 6.24
N CYS B 142 26.28 18.33 6.33
CA CYS B 142 26.77 17.82 7.60
C CYS B 142 28.07 18.50 8.01
N LYS B 143 28.35 18.46 9.32
CA LYS B 143 29.53 19.10 9.89
C LYS B 143 30.81 18.68 9.20
N GLU B 144 30.90 17.40 8.86
CA GLU B 144 32.09 16.87 8.20
C GLU B 144 32.20 17.37 6.76
N CYS B 145 31.07 17.48 6.07
CA CYS B 145 31.08 17.96 4.70
C CYS B 145 31.33 19.46 4.64
N GLN B 146 31.12 20.13 5.77
CA GLN B 146 31.36 21.57 5.84
C GLN B 146 32.84 21.83 6.12
N GLU B 147 33.45 20.95 6.91
CA GLU B 147 34.88 21.02 7.15
C GLU B 147 35.63 20.73 5.86
N SER B 148 35.09 19.83 5.06
CA SER B 148 35.68 19.47 3.78
C SER B 148 35.89 20.70 2.91
N MET C 1 -17.20 -16.66 24.23
CA MET C 1 -16.72 -18.04 24.17
C MET C 1 -17.83 -19.06 23.86
N LYS C 2 -18.64 -18.76 22.86
CA LYS C 2 -19.60 -19.74 22.35
C LYS C 2 -18.90 -20.65 21.35
N ARG C 3 -18.87 -21.94 21.64
CA ARG C 3 -18.17 -22.89 20.79
C ARG C 3 -19.11 -23.99 20.33
N LEU C 4 -18.91 -24.44 19.09
CA LEU C 4 -19.75 -25.47 18.51
C LEU C 4 -19.44 -26.87 19.05
N GLU C 5 -18.32 -26.99 19.77
CA GLU C 5 -17.78 -28.30 20.14
C GLU C 5 -16.86 -28.14 21.34
N THR C 6 -16.80 -29.15 22.21
CA THR C 6 -15.90 -29.10 23.34
C THR C 6 -14.44 -29.15 22.86
N LEU C 7 -13.56 -28.52 23.62
CA LEU C 7 -12.13 -28.59 23.33
C LEU C 7 -11.67 -30.05 23.27
N GLU C 8 -12.13 -30.85 24.24
CA GLU C 8 -11.71 -32.24 24.33
C GLU C 8 -12.06 -33.02 23.06
N SER C 9 -13.26 -32.80 22.57
CA SER C 9 -13.73 -33.43 21.34
C SER C 9 -12.85 -33.04 20.16
N ILE C 10 -12.46 -31.77 20.11
CA ILE C 10 -11.59 -31.29 19.04
C ILE C 10 -10.21 -31.94 19.13
N LEU C 11 -9.66 -31.99 20.33
CA LEU C 11 -8.35 -32.61 20.52
C LEU C 11 -8.34 -34.11 20.18
N GLU C 12 -9.47 -34.79 20.38
CA GLU C 12 -9.53 -36.21 20.00
C GLU C 12 -9.62 -36.36 18.48
N ARG C 13 -10.41 -35.52 17.83
CA ARG C 13 -10.40 -35.46 16.38
C ARG C 13 -9.01 -35.15 15.86
N LEU C 14 -8.29 -34.30 16.60
CA LEU C 14 -6.92 -33.97 16.23
C LEU C 14 -6.02 -35.21 16.31
N ARG C 15 -6.11 -35.92 17.43
CA ARG C 15 -5.34 -37.15 17.63
C ARG C 15 -5.62 -38.14 16.52
N MET C 16 -6.89 -38.27 16.15
CA MET C 16 -7.26 -39.20 15.10
C MET C 16 -6.70 -38.76 13.74
N SER C 17 -6.68 -37.46 13.50
CA SER C 17 -6.19 -36.91 12.24
C SER C 17 -4.67 -37.04 12.16
N ILE C 18 -3.99 -36.93 13.30
CA ILE C 18 -2.54 -37.05 13.34
C ILE C 18 -2.10 -38.47 13.01
N LYS C 19 -2.75 -39.45 13.62
CA LYS C 19 -2.44 -40.84 13.35
C LYS C 19 -2.72 -41.18 11.89
N LYS C 20 -3.85 -40.71 11.38
CA LYS C 20 -4.23 -40.93 9.98
C LYS C 20 -3.17 -40.40 9.00
N ASN C 21 -2.60 -39.25 9.32
CA ASN C 21 -1.61 -38.62 8.44
C ASN C 21 -0.18 -39.07 8.69
N GLY C 22 -0.01 -40.08 9.54
CA GLY C 22 1.30 -40.65 9.80
C GLY C 22 2.21 -39.74 10.60
N LEU C 23 1.60 -38.78 11.31
CA LEU C 23 2.36 -37.83 12.09
C LEU C 23 2.44 -38.26 13.54
N LYS C 24 3.19 -37.52 14.35
CA LYS C 24 3.39 -37.84 15.75
C LYS C 24 2.65 -36.86 16.64
N ASN C 25 1.91 -37.38 17.62
CA ASN C 25 1.28 -36.49 18.59
C ASN C 25 2.32 -35.56 19.18
N SER C 26 1.91 -34.33 19.47
CA SER C 26 2.75 -33.42 20.24
C SER C 26 1.88 -32.57 21.13
N LYS C 27 2.34 -32.35 22.36
CA LYS C 27 1.63 -31.46 23.26
C LYS C 27 1.59 -30.04 22.70
N GLN C 28 2.65 -29.63 22.01
CA GLN C 28 2.68 -28.27 21.44
C GLN C 28 1.55 -28.03 20.44
N ARG C 29 1.31 -29.00 19.57
CA ARG C 29 0.23 -28.87 18.60
C ARG C 29 -1.13 -28.77 19.30
N GLU C 30 -1.31 -29.57 20.35
CA GLU C 30 -2.52 -29.49 21.17
C GLU C 30 -2.59 -28.13 21.88
N GLU C 31 -1.45 -27.60 22.28
CA GLU C 31 -1.43 -26.30 22.95
C GLU C 31 -1.87 -25.16 22.02
N VAL C 32 -1.45 -25.21 20.75
CA VAL C 32 -1.91 -24.22 19.77
C VAL C 32 -3.44 -24.24 19.62
N VAL C 33 -3.99 -25.44 19.52
CA VAL C 33 -5.45 -25.56 19.42
C VAL C 33 -6.09 -24.99 20.67
N SER C 34 -5.55 -25.32 21.83
CA SER C 34 -6.14 -24.90 23.09
C SER C 34 -6.06 -23.39 23.28
N VAL C 35 -4.91 -22.80 22.94
CA VAL C 35 -4.79 -21.34 22.99
C VAL C 35 -5.89 -20.67 22.15
N LEU C 36 -6.10 -21.15 20.93
CA LEU C 36 -7.10 -20.56 20.05
C LEU C 36 -8.51 -20.80 20.55
N TYR C 37 -8.78 -22.02 21.01
CA TYR C 37 -10.09 -22.34 21.58
C TYR C 37 -10.43 -21.37 22.70
N ARG C 38 -9.43 -21.10 23.54
CA ARG C 38 -9.64 -20.29 24.74
C ARG C 38 -9.78 -18.80 24.42
N SER C 39 -9.32 -18.40 23.23
CA SER C 39 -9.25 -16.98 22.89
C SER C 39 -10.57 -16.40 22.42
N GLY C 40 -10.86 -15.18 22.88
CA GLY C 40 -12.05 -14.47 22.45
C GLY C 40 -11.78 -13.55 21.27
N THR C 41 -10.56 -13.62 20.73
CA THR C 41 -10.20 -12.74 19.61
C THR C 41 -9.58 -13.55 18.46
N HIS C 42 -8.92 -12.88 17.52
CA HIS C 42 -8.22 -13.57 16.44
C HIS C 42 -6.73 -13.33 16.64
N LEU C 43 -5.94 -14.38 16.63
CA LEU C 43 -4.54 -14.28 17.05
C LEU C 43 -3.54 -14.40 15.90
N SER C 44 -2.47 -13.62 15.95
CA SER C 44 -1.39 -13.76 15.01
C SER C 44 -0.48 -14.90 15.44
N PRO C 45 0.28 -15.47 14.49
CA PRO C 45 1.26 -16.48 14.86
C PRO C 45 2.22 -16.00 15.96
N GLU C 46 2.63 -14.73 15.91
CA GLU C 46 3.50 -14.19 16.96
C GLU C 46 2.85 -14.27 18.34
N GLU C 47 1.57 -13.87 18.43
CA GLU C 47 0.87 -13.89 19.71
C GLU C 47 0.69 -15.32 20.24
N ILE C 48 0.38 -16.23 19.33
CA ILE C 48 0.26 -17.63 19.70
C ILE C 48 1.58 -18.15 20.24
N THR C 49 2.68 -17.73 19.61
CA THR C 49 4.00 -18.16 20.04
C THR C 49 4.29 -17.60 21.43
N HIS C 50 3.96 -16.32 21.65
CA HIS C 50 4.12 -15.69 22.96
C HIS C 50 3.47 -16.57 24.03
N SER C 51 2.22 -16.98 23.80
CA SER C 51 1.49 -17.77 24.78
C SER C 51 2.16 -19.13 25.05
N ILE C 52 2.54 -19.82 23.98
CA ILE C 52 3.18 -21.12 24.09
C ILE C 52 4.52 -21.04 24.83
N ARG C 53 5.26 -19.95 24.60
CA ARG C 53 6.56 -19.76 25.24
C ARG C 53 6.45 -19.53 26.74
N GLN C 54 5.22 -19.38 27.24
CA GLN C 54 5.00 -19.22 28.67
C GLN C 54 5.20 -20.55 29.39
N LYS C 55 5.08 -21.65 28.65
CA LYS C 55 5.33 -22.97 29.20
C LYS C 55 6.66 -23.54 28.69
N ASP C 56 6.90 -23.38 27.39
CA ASP C 56 8.15 -23.83 26.78
C ASP C 56 8.85 -22.66 26.09
N LYS C 57 9.77 -22.02 26.81
CA LYS C 57 10.40 -20.77 26.38
C LYS C 57 11.18 -20.89 25.08
N ASN C 58 11.77 -22.06 24.83
CA ASN C 58 12.62 -22.23 23.66
C ASN C 58 11.87 -22.70 22.40
N THR C 59 10.56 -22.50 22.40
CA THR C 59 9.74 -22.80 21.22
C THR C 59 10.04 -21.80 20.09
N SER C 60 10.19 -22.32 18.88
CA SER C 60 10.51 -21.49 17.72
C SER C 60 9.24 -21.15 16.93
N ILE C 61 9.20 -19.95 16.37
CA ILE C 61 8.01 -19.51 15.65
C ILE C 61 7.83 -20.32 14.37
N SER C 62 8.93 -20.82 13.80
CA SER C 62 8.82 -21.71 12.64
C SER C 62 8.00 -22.95 12.96
N SER C 63 8.11 -23.46 14.18
CA SER C 63 7.36 -24.65 14.55
C SER C 63 5.87 -24.32 14.65
N VAL C 64 5.56 -23.11 15.12
CA VAL C 64 4.17 -22.68 15.23
C VAL C 64 3.52 -22.50 13.85
N TYR C 65 4.26 -21.92 12.91
CA TYR C 65 3.76 -21.79 11.55
C TYR C 65 3.43 -23.15 10.95
N ARG C 66 4.35 -24.09 11.08
CA ARG C 66 4.15 -25.43 10.57
C ARG C 66 2.87 -26.05 11.14
N ILE C 67 2.70 -25.95 12.46
CA ILE C 67 1.49 -26.40 13.13
C ILE C 67 0.23 -25.70 12.60
N LEU C 68 0.30 -24.37 12.45
CA LEU C 68 -0.83 -23.59 11.96
C LEU C 68 -1.22 -24.02 10.56
N ASN C 69 -0.23 -24.27 9.71
CA ASN C 69 -0.52 -24.70 8.34
C ASN C 69 -1.26 -26.03 8.30
N PHE C 70 -0.83 -26.98 9.12
CA PHE C 70 -1.53 -28.27 9.21
C PHE C 70 -2.96 -28.11 9.73
N LEU C 71 -3.10 -27.46 10.87
CA LEU C 71 -4.40 -27.27 11.50
C LEU C 71 -5.36 -26.58 10.56
N GLU C 72 -4.86 -25.62 9.78
CA GLU C 72 -5.75 -24.88 8.92
C GLU C 72 -6.13 -25.71 7.70
N LYS C 73 -5.18 -26.48 7.18
CA LYS C 73 -5.52 -27.29 6.01
C LYS C 73 -6.47 -28.44 6.37
N GLU C 74 -6.43 -28.89 7.62
CA GLU C 74 -7.37 -29.91 8.10
C GLU C 74 -8.61 -29.34 8.80
N ASN C 75 -8.80 -28.03 8.68
CA ASN C 75 -10.01 -27.35 9.15
C ASN C 75 -10.24 -27.35 10.66
N PHE C 76 -9.17 -27.39 11.44
CA PHE C 76 -9.29 -27.24 12.89
C PHE C 76 -9.32 -25.76 13.28
N ILE C 77 -8.76 -24.92 12.41
CA ILE C 77 -8.73 -23.48 12.63
C ILE C 77 -9.04 -22.76 11.32
N SER C 78 -9.44 -21.49 11.42
CA SER C 78 -9.71 -20.63 10.28
C SER C 78 -8.72 -19.48 10.27
N VAL C 79 -8.36 -19.02 9.08
CA VAL C 79 -7.47 -17.87 8.92
C VAL C 79 -8.19 -16.65 8.30
N LEU C 80 -7.87 -15.46 8.80
CA LEU C 80 -8.38 -14.21 8.26
C LEU C 80 -7.15 -13.45 7.77
N GLU C 81 -7.12 -13.07 6.50
CA GLU C 81 -5.98 -12.31 5.99
C GLU C 81 -6.38 -10.89 5.60
N THR C 82 -5.65 -9.90 6.10
CA THR C 82 -5.70 -8.55 5.52
C THR C 82 -4.31 -7.92 5.55
N SER C 83 -4.08 -6.95 4.67
CA SER C 83 -2.81 -6.26 4.66
C SER C 83 -2.59 -5.57 6.00
N LYS C 84 -3.66 -5.01 6.56
CA LYS C 84 -3.54 -4.23 7.79
C LYS C 84 -3.24 -5.08 9.02
N SER C 85 -3.94 -6.21 9.15
CA SER C 85 -3.81 -7.08 10.31
C SER C 85 -2.88 -8.27 10.05
N GLY C 86 -2.50 -8.48 8.79
CA GLY C 86 -1.76 -9.67 8.41
C GLY C 86 -2.64 -10.88 8.57
N ARG C 87 -2.04 -12.05 8.79
CA ARG C 87 -2.80 -13.28 8.97
C ARG C 87 -3.16 -13.45 10.43
N ARG C 88 -4.43 -13.73 10.72
CA ARG C 88 -4.84 -13.99 12.08
C ARG C 88 -5.74 -15.23 12.13
N TYR C 89 -5.66 -15.94 13.24
CA TYR C 89 -6.25 -17.28 13.33
C TYR C 89 -7.30 -17.40 14.42
N GLU C 90 -8.24 -18.32 14.21
CA GLU C 90 -9.24 -18.60 15.22
C GLU C 90 -9.68 -20.05 15.11
N ILE C 91 -10.26 -20.54 16.19
CA ILE C 91 -10.73 -21.92 16.22
C ILE C 91 -11.88 -22.04 15.22
N ALA C 92 -11.94 -23.16 14.49
CA ALA C 92 -12.94 -23.34 13.44
C ALA C 92 -14.32 -23.65 14.00
N ALA C 93 -14.37 -24.18 15.21
CA ALA C 93 -15.63 -24.60 15.83
C ALA C 93 -16.44 -23.43 16.39
N LYS C 94 -16.83 -22.51 15.51
CA LYS C 94 -17.60 -21.31 15.84
C LYS C 94 -18.67 -21.11 14.76
N GLU C 95 -19.81 -20.53 15.14
CA GLU C 95 -20.87 -20.18 14.22
C GLU C 95 -20.32 -19.34 13.05
N HIS C 96 -20.91 -19.49 11.86
CA HIS C 96 -20.46 -18.70 10.72
C HIS C 96 -20.53 -17.21 11.01
N HIS C 97 -19.48 -16.49 10.65
CA HIS C 97 -19.52 -15.04 10.79
C HIS C 97 -18.56 -14.42 9.79
N ASP C 98 -18.81 -13.15 9.52
CA ASP C 98 -17.95 -12.38 8.64
C ASP C 98 -17.21 -11.37 9.49
N HIS C 99 -16.41 -10.50 8.87
CA HIS C 99 -15.50 -9.69 9.66
C HIS C 99 -15.46 -8.22 9.32
N ILE C 100 -15.43 -7.42 10.38
CA ILE C 100 -15.15 -6.00 10.28
C ILE C 100 -13.72 -5.79 10.82
N ILE C 101 -12.91 -5.01 10.11
CA ILE C 101 -11.52 -4.80 10.52
C ILE C 101 -11.21 -3.32 10.50
N CYS C 102 -10.71 -2.79 11.61
CA CYS C 102 -10.37 -1.38 11.70
C CYS C 102 -9.02 -1.11 11.04
N LEU C 103 -9.02 -0.19 10.08
CA LEU C 103 -7.80 0.15 9.35
C LEU C 103 -6.76 0.85 10.20
N HIS C 104 -7.18 1.39 11.34
CA HIS C 104 -6.26 2.18 12.15
C HIS C 104 -5.62 1.36 13.26
N CYS C 105 -6.43 0.59 13.99
CA CYS C 105 -5.93 -0.15 15.15
C CYS C 105 -5.89 -1.66 14.92
N GLY C 106 -6.46 -2.13 13.82
CA GLY C 106 -6.38 -3.54 13.46
C GLY C 106 -7.38 -4.42 14.17
N LYS C 107 -8.20 -3.83 15.02
CA LYS C 107 -9.24 -4.57 15.75
C LYS C 107 -10.17 -5.30 14.80
N ILE C 108 -10.57 -6.52 15.18
CA ILE C 108 -11.49 -7.32 14.37
C ILE C 108 -12.80 -7.49 15.10
N ILE C 109 -13.90 -7.20 14.41
CA ILE C 109 -15.23 -7.36 14.98
C ILE C 109 -15.97 -8.41 14.15
N GLU C 110 -16.55 -9.41 14.83
CA GLU C 110 -17.29 -10.46 14.13
C GLU C 110 -18.74 -10.05 13.96
N PHE C 111 -19.37 -10.46 12.86
CA PHE C 111 -20.81 -10.22 12.72
C PHE C 111 -21.46 -11.31 11.91
N ALA C 112 -22.73 -11.55 12.19
CA ALA C 112 -23.54 -12.48 11.43
C ALA C 112 -24.87 -11.79 11.23
N ASP C 113 -25.15 -11.38 10.01
CA ASP C 113 -26.36 -10.63 9.72
C ASP C 113 -27.27 -11.45 8.82
N PRO C 114 -28.31 -12.07 9.41
CA PRO C 114 -29.24 -12.89 8.62
C PRO C 114 -29.71 -12.19 7.35
N GLU C 115 -30.10 -10.92 7.43
CA GLU C 115 -30.64 -10.22 6.26
C GLU C 115 -29.61 -10.06 5.14
N ILE C 116 -28.36 -9.80 5.50
CA ILE C 116 -27.31 -9.75 4.49
C ILE C 116 -27.12 -11.14 3.89
N GLU C 117 -27.08 -12.14 4.76
CA GLU C 117 -26.93 -13.52 4.30
C GLU C 117 -28.05 -13.87 3.32
N ASN C 118 -29.29 -13.51 3.67
CA ASN C 118 -30.40 -13.78 2.76
C ASN C 118 -30.28 -12.99 1.46
N ARG C 119 -29.84 -11.73 1.54
CA ARG C 119 -29.74 -10.90 0.35
C ARG C 119 -28.71 -11.43 -0.66
N GLN C 120 -27.61 -11.99 -0.17
CA GLN C 120 -26.64 -12.61 -1.05
C GLN C 120 -27.28 -13.77 -1.82
N ASN C 121 -28.12 -14.55 -1.14
CA ASN C 121 -28.85 -15.61 -1.80
C ASN C 121 -29.75 -15.06 -2.90
N GLU C 122 -30.48 -14.00 -2.59
CA GLU C 122 -31.35 -13.35 -3.59
C GLU C 122 -30.55 -12.89 -4.80
N VAL C 123 -29.39 -12.28 -4.55
CA VAL C 123 -28.59 -11.74 -5.64
C VAL C 123 -28.08 -12.82 -6.61
N VAL C 124 -27.54 -13.92 -6.07
CA VAL C 124 -27.03 -14.97 -6.94
C VAL C 124 -28.16 -15.67 -7.66
N LYS C 125 -29.36 -15.57 -7.09
CA LYS C 125 -30.56 -16.15 -7.70
C LYS C 125 -30.86 -15.41 -9.00
N LYS C 126 -30.51 -14.13 -9.05
CA LYS C 126 -30.72 -13.31 -10.24
C LYS C 126 -29.96 -13.89 -11.45
N TYR C 127 -28.83 -14.53 -11.18
CA TYR C 127 -28.02 -15.10 -12.24
C TYR C 127 -28.25 -16.60 -12.36
N GLN C 128 -29.25 -17.09 -11.62
CA GLN C 128 -29.55 -18.50 -11.56
C GLN C 128 -28.32 -19.34 -11.21
N ALA C 129 -27.53 -18.84 -10.27
CA ALA C 129 -26.35 -19.55 -9.79
C ALA C 129 -26.60 -20.12 -8.41
N LYS C 130 -25.78 -21.10 -8.02
CA LYS C 130 -25.92 -21.73 -6.71
C LYS C 130 -24.81 -21.23 -5.80
N LEU C 131 -25.19 -20.54 -4.73
CA LEU C 131 -24.19 -20.00 -3.81
C LEU C 131 -23.54 -21.13 -3.02
N ILE C 132 -22.22 -21.15 -2.99
CA ILE C 132 -21.49 -22.18 -2.29
C ILE C 132 -20.85 -21.64 -1.02
N SER C 133 -20.03 -20.61 -1.19
CA SER C 133 -19.48 -19.92 -0.03
C SER C 133 -19.27 -18.45 -0.35
N HIS C 134 -18.88 -17.70 0.67
CA HIS C 134 -18.58 -16.29 0.45
C HIS C 134 -17.51 -15.82 1.40
N ASP C 135 -16.84 -14.74 1.01
CA ASP C 135 -15.84 -14.09 1.85
C ASP C 135 -16.21 -12.62 1.86
N MET C 136 -16.47 -12.08 3.05
CA MET C 136 -16.93 -10.71 3.18
C MET C 136 -16.15 -10.04 4.30
N LYS C 137 -15.42 -8.99 3.95
CA LYS C 137 -14.67 -8.22 4.95
C LYS C 137 -15.03 -6.77 4.77
N MET C 138 -15.29 -6.09 5.88
CA MET C 138 -15.52 -4.65 5.83
C MET C 138 -14.42 -3.93 6.58
N PHE C 139 -13.85 -2.92 5.95
CA PHE C 139 -12.74 -2.17 6.55
C PHE C 139 -13.28 -0.83 7.03
N VAL C 140 -12.96 -0.47 8.27
CA VAL C 140 -13.59 0.66 8.91
C VAL C 140 -12.58 1.47 9.72
N TRP C 141 -13.03 2.62 10.20
CA TRP C 141 -12.45 3.25 11.39
C TRP C 141 -13.40 2.94 12.53
N CYS C 142 -12.91 2.23 13.55
CA CYS C 142 -13.79 1.75 14.60
C CYS C 142 -14.17 2.89 15.53
N LYS C 143 -15.14 2.63 16.38
CA LYS C 143 -15.62 3.60 17.35
C LYS C 143 -14.46 4.17 18.18
N GLU C 144 -13.60 3.30 18.68
CA GLU C 144 -12.54 3.73 19.61
C GLU C 144 -11.50 4.64 18.95
N CYS C 145 -11.16 4.35 17.70
CA CYS C 145 -10.19 5.18 16.96
C CYS C 145 -10.77 6.52 16.52
N GLN C 146 -12.09 6.58 16.32
CA GLN C 146 -12.73 7.83 15.93
C GLN C 146 -12.82 8.79 17.12
N GLU C 147 -12.67 8.28 18.32
CA GLU C 147 -12.78 9.14 19.51
C GLU C 147 -11.77 10.29 19.43
N SER C 148 -12.23 11.50 19.68
CA SER C 148 -11.35 12.66 19.71
C SER C 148 -10.54 12.64 20.98
N GLU C 149 -9.31 13.13 20.91
CA GLU C 149 -8.49 13.24 22.11
C GLU C 149 -8.61 14.64 22.73
N SER C 150 -9.31 15.53 22.05
CA SER C 150 -9.52 16.89 22.55
C SER C 150 -10.96 17.09 23.05
N MET D 1 -16.70 1.23 -23.28
CA MET D 1 -16.44 0.87 -21.90
C MET D 1 -16.36 2.12 -21.00
N LYS D 2 -16.48 1.90 -19.70
CA LYS D 2 -16.37 2.97 -18.72
C LYS D 2 -15.07 2.85 -17.95
N ARG D 3 -14.23 3.87 -18.06
CA ARG D 3 -12.98 3.94 -17.33
C ARG D 3 -12.93 5.26 -16.59
N LEU D 4 -12.36 5.26 -15.39
CA LEU D 4 -12.34 6.48 -14.59
C LEU D 4 -11.14 7.36 -14.92
N GLU D 5 -10.26 6.85 -15.76
CA GLU D 5 -9.06 7.60 -16.13
C GLU D 5 -8.68 7.19 -17.56
N THR D 6 -8.09 8.09 -18.34
CA THR D 6 -7.70 7.71 -19.69
C THR D 6 -6.46 6.85 -19.65
N LEU D 7 -6.27 6.06 -20.70
CA LEU D 7 -5.10 5.21 -20.78
C LEU D 7 -3.84 6.07 -20.86
N GLU D 8 -3.91 7.16 -21.62
CA GLU D 8 -2.74 8.03 -21.78
C GLU D 8 -2.33 8.64 -20.44
N SER D 9 -3.29 9.00 -19.61
CA SER D 9 -2.98 9.51 -18.28
C SER D 9 -2.31 8.43 -17.42
N ILE D 10 -2.86 7.23 -17.44
CA ILE D 10 -2.27 6.13 -16.71
C ILE D 10 -0.83 5.87 -17.17
N LEU D 11 -0.62 5.89 -18.48
CA LEU D 11 0.71 5.64 -19.02
C LEU D 11 1.72 6.73 -18.61
N GLU D 12 1.26 7.97 -18.52
CA GLU D 12 2.16 9.03 -18.06
C GLU D 12 2.55 8.81 -16.60
N ARG D 13 1.59 8.39 -15.78
CA ARG D 13 1.87 8.12 -14.37
C ARG D 13 2.83 6.95 -14.24
N LEU D 14 2.68 5.96 -15.13
CA LEU D 14 3.53 4.78 -15.11
C LEU D 14 4.96 5.19 -15.41
N ARG D 15 5.13 5.99 -16.45
CA ARG D 15 6.46 6.47 -16.84
C ARG D 15 7.13 7.31 -15.74
N MET D 16 6.35 8.15 -15.08
CA MET D 16 6.85 8.90 -13.93
C MET D 16 7.33 7.94 -12.85
N SER D 17 6.60 6.85 -12.68
CA SER D 17 6.86 5.90 -11.60
C SER D 17 8.07 5.04 -11.91
N ILE D 18 8.24 4.73 -13.19
CA ILE D 18 9.41 4.00 -13.66
C ILE D 18 10.67 4.75 -13.25
N LYS D 19 10.71 6.04 -13.56
CA LYS D 19 11.85 6.88 -13.20
C LYS D 19 12.05 6.90 -11.68
N LYS D 20 11.04 7.34 -10.96
CA LYS D 20 11.09 7.41 -9.50
C LYS D 20 11.63 6.12 -8.86
N ASN D 21 11.12 4.97 -9.30
CA ASN D 21 11.58 3.69 -8.79
C ASN D 21 12.99 3.34 -9.30
N GLY D 22 13.51 4.18 -10.19
CA GLY D 22 14.81 3.93 -10.79
C GLY D 22 14.84 2.62 -11.54
N LEU D 23 13.73 2.32 -12.23
CA LEU D 23 13.59 1.04 -12.92
C LEU D 23 13.89 1.12 -14.40
N LYS D 24 13.69 0.01 -15.10
CA LYS D 24 13.94 -0.04 -16.54
C LYS D 24 12.82 0.70 -17.27
N ASN D 25 13.11 1.06 -18.52
CA ASN D 25 12.12 1.70 -19.37
C ASN D 25 11.51 0.65 -20.29
N SER D 26 10.32 0.17 -19.95
CA SER D 26 9.80 -1.05 -20.57
C SER D 26 8.53 -0.89 -21.44
N LYS D 27 8.62 -1.34 -22.68
CA LYS D 27 7.47 -1.34 -23.57
C LYS D 27 6.45 -2.39 -23.13
N GLN D 28 6.95 -3.59 -22.86
CA GLN D 28 6.11 -4.69 -22.42
C GLN D 28 5.31 -4.28 -21.20
N ARG D 29 5.91 -3.48 -20.34
CA ARG D 29 5.24 -3.07 -19.13
C ARG D 29 4.06 -2.16 -19.46
N GLU D 30 4.25 -1.25 -20.41
CA GLU D 30 3.14 -0.43 -20.87
C GLU D 30 2.13 -1.29 -21.63
N GLU D 31 2.62 -2.34 -22.28
CA GLU D 31 1.76 -3.25 -23.03
C GLU D 31 0.77 -4.00 -22.15
N VAL D 32 1.24 -4.43 -20.99
CA VAL D 32 0.40 -5.13 -20.04
C VAL D 32 -0.72 -4.22 -19.50
N VAL D 33 -0.36 -3.00 -19.13
CA VAL D 33 -1.34 -2.03 -18.68
C VAL D 33 -2.39 -1.79 -19.75
N SER D 34 -1.93 -1.69 -21.00
CA SER D 34 -2.80 -1.43 -22.14
C SER D 34 -3.80 -2.57 -22.38
N VAL D 35 -3.30 -3.80 -22.36
CA VAL D 35 -4.15 -4.99 -22.48
C VAL D 35 -5.27 -5.03 -21.41
N LEU D 36 -4.91 -4.78 -20.16
CA LEU D 36 -5.90 -4.82 -19.09
C LEU D 36 -6.89 -3.67 -19.25
N TYR D 37 -6.37 -2.50 -19.63
CA TYR D 37 -7.22 -1.33 -19.79
C TYR D 37 -8.28 -1.56 -20.85
N ARG D 38 -7.87 -2.13 -21.98
CA ARG D 38 -8.75 -2.27 -23.13
C ARG D 38 -9.74 -3.42 -22.94
N SER D 39 -9.36 -4.39 -22.11
CA SER D 39 -10.16 -5.58 -21.90
C SER D 39 -11.40 -5.36 -21.03
N GLY D 40 -12.50 -6.00 -21.42
CA GLY D 40 -13.73 -5.97 -20.65
C GLY D 40 -13.92 -7.18 -19.75
N THR D 41 -12.83 -7.92 -19.51
CA THR D 41 -12.85 -9.03 -18.56
C THR D 41 -11.72 -8.98 -17.52
N HIS D 42 -11.68 -10.01 -16.68
CA HIS D 42 -10.61 -10.24 -15.70
C HIS D 42 -9.66 -11.27 -16.28
N LEU D 43 -8.38 -10.92 -16.43
CA LEU D 43 -7.44 -11.77 -17.15
C LEU D 43 -6.47 -12.53 -16.25
N SER D 44 -6.15 -13.76 -16.64
CA SER D 44 -5.09 -14.53 -15.99
C SER D 44 -3.75 -14.12 -16.61
N PRO D 45 -2.64 -14.38 -15.91
CA PRO D 45 -1.34 -14.10 -16.52
C PRO D 45 -1.13 -14.88 -17.82
N GLU D 46 -1.75 -16.05 -17.94
CA GLU D 46 -1.64 -16.86 -19.16
C GLU D 46 -2.30 -16.15 -20.33
N GLU D 47 -3.45 -15.54 -20.07
CA GLU D 47 -4.14 -14.79 -21.11
C GLU D 47 -3.33 -13.55 -21.50
N ILE D 48 -2.80 -12.86 -20.50
CA ILE D 48 -2.03 -11.64 -20.76
C ILE D 48 -0.80 -11.96 -21.60
N THR D 49 -0.11 -13.03 -21.22
CA THR D 49 1.07 -13.52 -21.92
C THR D 49 0.77 -13.91 -23.37
N HIS D 50 -0.37 -14.56 -23.60
CA HIS D 50 -0.78 -14.91 -24.95
C HIS D 50 -0.95 -13.64 -25.80
N SER D 51 -1.42 -12.58 -25.16
CA SER D 51 -1.57 -11.32 -25.86
C SER D 51 -0.20 -10.74 -26.19
N ILE D 52 0.70 -10.81 -25.22
CA ILE D 52 2.03 -10.19 -25.34
C ILE D 52 2.89 -10.89 -26.38
N ARG D 53 2.65 -12.19 -26.56
CA ARG D 53 3.48 -13.01 -27.44
C ARG D 53 3.20 -12.79 -28.92
N GLN D 54 2.16 -12.03 -29.23
CA GLN D 54 1.88 -11.70 -30.62
C GLN D 54 3.04 -10.90 -31.21
N LYS D 55 3.63 -10.04 -30.39
CA LYS D 55 4.75 -9.21 -30.83
C LYS D 55 6.11 -9.84 -30.46
N ASP D 56 6.32 -10.07 -29.17
CA ASP D 56 7.55 -10.70 -28.70
C ASP D 56 7.35 -12.20 -28.48
N LYS D 57 7.66 -12.98 -29.50
CA LYS D 57 7.40 -14.42 -29.46
C LYS D 57 8.14 -15.14 -28.32
N ASN D 58 9.28 -14.61 -27.91
CA ASN D 58 10.09 -15.22 -26.86
C ASN D 58 9.65 -14.85 -25.44
N THR D 59 8.54 -14.14 -25.32
CA THR D 59 8.09 -13.65 -24.01
C THR D 59 7.78 -14.79 -23.05
N SER D 60 8.42 -14.75 -21.88
CA SER D 60 8.18 -15.72 -20.83
C SER D 60 7.02 -15.28 -19.95
N ILE D 61 6.36 -16.23 -19.32
CA ILE D 61 5.28 -15.91 -18.39
C ILE D 61 5.89 -15.30 -17.12
N SER D 62 7.18 -15.54 -16.91
CA SER D 62 7.90 -14.99 -15.77
C SER D 62 8.07 -13.47 -15.88
N SER D 63 8.34 -12.99 -17.08
CA SER D 63 8.46 -11.55 -17.27
C SER D 63 7.10 -10.88 -17.00
N VAL D 64 6.02 -11.57 -17.37
CA VAL D 64 4.68 -11.05 -17.15
C VAL D 64 4.33 -10.98 -15.66
N TYR D 65 4.63 -12.04 -14.92
CA TYR D 65 4.49 -12.03 -13.47
C TYR D 65 5.19 -10.80 -12.90
N ARG D 66 6.44 -10.59 -13.31
CA ARG D 66 7.24 -9.46 -12.83
C ARG D 66 6.55 -8.12 -13.07
N ILE D 67 6.07 -7.93 -14.29
CA ILE D 67 5.32 -6.72 -14.62
C ILE D 67 4.08 -6.57 -13.72
N LEU D 68 3.24 -7.61 -13.67
CA LEU D 68 2.00 -7.55 -12.90
C LEU D 68 2.28 -7.14 -11.46
N ASN D 69 3.32 -7.74 -10.88
CA ASN D 69 3.63 -7.51 -9.47
C ASN D 69 3.99 -6.05 -9.21
N PHE D 70 4.64 -5.41 -10.17
CA PHE D 70 4.97 -3.99 -10.04
C PHE D 70 3.74 -3.09 -10.19
N LEU D 71 2.92 -3.36 -11.21
CA LEU D 71 1.73 -2.57 -11.47
C LEU D 71 0.73 -2.65 -10.32
N GLU D 72 0.63 -3.82 -9.69
CA GLU D 72 -0.32 -3.98 -8.61
C GLU D 72 0.13 -3.21 -7.38
N LYS D 73 1.44 -3.22 -7.13
CA LYS D 73 2.01 -2.47 -6.02
C LYS D 73 1.81 -0.96 -6.21
N GLU D 74 1.90 -0.48 -7.45
CA GLU D 74 1.71 0.94 -7.74
C GLU D 74 0.24 1.30 -7.98
N ASN D 75 -0.64 0.34 -7.73
CA ASN D 75 -2.08 0.56 -7.82
C ASN D 75 -2.62 0.88 -9.21
N PHE D 76 -1.91 0.41 -10.24
CA PHE D 76 -2.37 0.56 -11.62
C PHE D 76 -3.38 -0.51 -12.00
N ILE D 77 -3.31 -1.64 -11.29
CA ILE D 77 -4.20 -2.77 -11.55
C ILE D 77 -4.65 -3.35 -10.22
N SER D 78 -5.70 -4.16 -10.27
CA SER D 78 -6.24 -4.84 -9.09
C SER D 78 -6.14 -6.34 -9.29
N VAL D 79 -5.82 -7.05 -8.22
CA VAL D 79 -5.75 -8.51 -8.28
C VAL D 79 -6.96 -9.10 -7.58
N LEU D 80 -7.54 -10.12 -8.19
CA LEU D 80 -8.63 -10.87 -7.57
C LEU D 80 -8.13 -12.28 -7.28
N GLU D 81 -8.29 -12.74 -6.05
CA GLU D 81 -7.91 -14.10 -5.69
C GLU D 81 -9.08 -15.06 -5.91
N THR D 82 -9.02 -15.83 -6.98
CA THR D 82 -10.12 -16.68 -7.38
C THR D 82 -10.03 -18.03 -6.67
N SER D 83 -8.82 -18.37 -6.21
CA SER D 83 -8.52 -19.62 -5.52
C SER D 83 -7.36 -19.34 -4.59
N LYS D 84 -6.92 -20.37 -3.87
CA LYS D 84 -5.70 -20.24 -3.07
C LYS D 84 -4.56 -19.81 -3.98
N SER D 85 -4.54 -20.36 -5.18
CA SER D 85 -3.48 -20.07 -6.14
C SER D 85 -3.97 -19.15 -7.27
N GLY D 86 -5.25 -19.27 -7.61
CA GLY D 86 -5.82 -18.57 -8.74
C GLY D 86 -5.76 -17.06 -8.62
N ARG D 87 -5.14 -16.41 -9.60
CA ARG D 87 -5.11 -14.95 -9.65
C ARG D 87 -5.76 -14.45 -10.92
N ARG D 88 -6.50 -13.36 -10.80
CA ARG D 88 -6.98 -12.66 -11.98
C ARG D 88 -6.80 -11.16 -11.80
N TYR D 89 -6.57 -10.47 -12.91
CA TYR D 89 -6.19 -9.07 -12.85
C TYR D 89 -7.08 -8.20 -13.71
N GLU D 90 -7.28 -6.96 -13.25
CA GLU D 90 -8.01 -5.99 -14.04
C GLU D 90 -7.43 -4.59 -13.82
N ILE D 91 -7.76 -3.68 -14.73
CA ILE D 91 -7.33 -2.31 -14.60
C ILE D 91 -7.97 -1.68 -13.35
N ALA D 92 -7.23 -0.81 -12.66
CA ALA D 92 -7.73 -0.24 -11.41
C ALA D 92 -8.80 0.83 -11.62
N ALA D 93 -8.74 1.52 -12.77
CA ALA D 93 -9.64 2.64 -13.04
C ALA D 93 -11.03 2.21 -13.53
N LYS D 94 -11.72 1.41 -12.73
CA LYS D 94 -13.12 1.06 -13.02
C LYS D 94 -13.95 1.38 -11.78
N GLU D 95 -15.23 1.66 -11.97
CA GLU D 95 -16.08 1.95 -10.83
CA GLU D 95 -16.13 1.92 -10.86
C GLU D 95 -16.22 0.71 -9.95
N HIS D 96 -16.54 0.95 -8.67
CA HIS D 96 -16.60 -0.14 -7.71
C HIS D 96 -17.51 -1.28 -8.13
N HIS D 97 -17.04 -2.50 -7.89
CA HIS D 97 -17.89 -3.68 -8.01
C HIS D 97 -17.34 -4.83 -7.17
N ASP D 98 -18.20 -5.78 -6.86
CA ASP D 98 -17.80 -6.97 -6.16
C ASP D 98 -17.84 -8.14 -7.14
N HIS D 99 -17.51 -9.33 -6.67
CA HIS D 99 -17.32 -10.47 -7.58
C HIS D 99 -18.07 -11.74 -7.24
N ILE D 100 -18.73 -12.28 -8.25
CA ILE D 100 -19.29 -13.63 -8.22
C ILE D 100 -18.32 -14.48 -9.02
N ILE D 101 -17.90 -15.60 -8.46
CA ILE D 101 -16.86 -16.43 -9.07
C ILE D 101 -17.33 -17.87 -9.14
N CYS D 102 -17.38 -18.44 -10.34
CA CYS D 102 -17.78 -19.83 -10.46
C CYS D 102 -16.64 -20.77 -10.13
N LEU D 103 -16.89 -21.68 -9.18
CA LEU D 103 -15.86 -22.59 -8.72
C LEU D 103 -15.52 -23.63 -9.78
N HIS D 104 -16.45 -23.87 -10.69
CA HIS D 104 -16.29 -24.95 -11.65
C HIS D 104 -15.70 -24.53 -13.00
N CYS D 105 -16.10 -23.37 -13.51
CA CYS D 105 -15.57 -22.91 -14.79
C CYS D 105 -14.65 -21.69 -14.67
N GLY D 106 -14.77 -20.95 -13.59
CA GLY D 106 -13.90 -19.79 -13.36
C GLY D 106 -14.47 -18.50 -13.90
N LYS D 107 -15.69 -18.56 -14.43
CA LYS D 107 -16.40 -17.38 -14.90
C LYS D 107 -16.47 -16.35 -13.78
N ILE D 108 -16.22 -15.08 -14.14
CA ILE D 108 -16.33 -13.99 -13.18
C ILE D 108 -17.45 -13.05 -13.59
N ILE D 109 -18.34 -12.78 -12.65
CA ILE D 109 -19.47 -11.88 -12.87
C ILE D 109 -19.35 -10.73 -11.89
N GLU D 110 -19.25 -9.51 -12.42
CA GLU D 110 -19.20 -8.32 -11.60
C GLU D 110 -20.60 -7.98 -11.14
N PHE D 111 -20.73 -7.49 -9.92
CA PHE D 111 -22.02 -6.99 -9.46
C PHE D 111 -21.83 -5.89 -8.45
N ALA D 112 -22.82 -5.02 -8.33
CA ALA D 112 -22.87 -4.05 -7.26
C ALA D 112 -24.33 -3.90 -6.88
N ASP D 113 -24.76 -4.62 -5.85
CA ASP D 113 -26.15 -4.59 -5.43
C ASP D 113 -26.37 -3.47 -4.42
N PRO D 114 -27.24 -2.51 -4.76
CA PRO D 114 -27.46 -1.35 -3.88
C PRO D 114 -27.90 -1.76 -2.48
N GLU D 115 -28.76 -2.76 -2.36
CA GLU D 115 -29.16 -3.22 -1.03
C GLU D 115 -27.98 -3.77 -0.22
N ILE D 116 -27.16 -4.61 -0.86
CA ILE D 116 -25.98 -5.13 -0.17
C ILE D 116 -25.08 -3.98 0.28
N GLU D 117 -24.85 -3.03 -0.62
CA GLU D 117 -23.99 -1.89 -0.31
C GLU D 117 -24.53 -1.15 0.92
N ASN D 118 -25.84 -0.92 0.94
CA ASN D 118 -26.48 -0.23 2.07
C ASN D 118 -26.42 -1.03 3.37
N ARG D 119 -26.71 -2.32 3.29
CA ARG D 119 -26.72 -3.16 4.48
C ARG D 119 -25.34 -3.23 5.14
N GLN D 120 -24.30 -3.20 4.33
CA GLN D 120 -22.94 -3.17 4.86
C GLN D 120 -22.73 -1.97 5.77
N ASN D 121 -23.16 -0.81 5.29
CA ASN D 121 -23.13 0.41 6.10
C ASN D 121 -23.98 0.31 7.36
N GLU D 122 -25.17 -0.26 7.22
CA GLU D 122 -26.06 -0.40 8.37
C GLU D 122 -25.42 -1.30 9.42
N VAL D 123 -24.78 -2.39 8.96
CA VAL D 123 -24.09 -3.28 9.87
C VAL D 123 -22.97 -2.57 10.64
N VAL D 124 -22.13 -1.81 9.94
CA VAL D 124 -21.02 -1.16 10.63
C VAL D 124 -21.54 -0.08 11.60
N LYS D 125 -22.63 0.57 11.20
CA LYS D 125 -23.25 1.59 12.04
C LYS D 125 -23.68 1.02 13.40
N LYS D 126 -24.14 -0.23 13.40
CA LYS D 126 -24.50 -0.89 14.65
C LYS D 126 -23.34 -0.90 15.65
N TYR D 127 -22.12 -0.85 15.13
CA TYR D 127 -20.92 -0.81 15.97
C TYR D 127 -20.32 0.58 16.06
N GLN D 128 -21.06 1.56 15.55
CA GLN D 128 -20.58 2.94 15.53
C GLN D 128 -19.21 3.05 14.86
N ALA D 129 -19.00 2.23 13.84
CA ALA D 129 -17.79 2.31 13.04
C ALA D 129 -18.12 2.99 11.72
N LYS D 130 -17.11 3.57 11.08
CA LYS D 130 -17.28 4.20 9.78
C LYS D 130 -16.79 3.27 8.67
N LEU D 131 -17.63 2.97 7.68
CA LEU D 131 -17.23 2.09 6.56
C LEU D 131 -16.32 2.81 5.58
N ILE D 132 -15.15 2.24 5.33
CA ILE D 132 -14.18 2.84 4.43
C ILE D 132 -14.11 2.10 3.09
N SER D 133 -13.99 0.77 3.15
CA SER D 133 -14.00 -0.08 1.95
C SER D 133 -14.42 -1.49 2.33
N HIS D 134 -14.58 -2.36 1.33
CA HIS D 134 -14.95 -3.72 1.62
C HIS D 134 -14.48 -4.65 0.51
N ASP D 135 -14.38 -5.92 0.84
CA ASP D 135 -13.93 -6.97 -0.08
C ASP D 135 -14.98 -8.06 0.01
N MET D 136 -15.74 -8.24 -1.06
CA MET D 136 -16.82 -9.22 -1.03
C MET D 136 -16.76 -10.11 -2.25
N LYS D 137 -16.67 -11.42 -2.02
CA LYS D 137 -16.65 -12.40 -3.10
C LYS D 137 -17.69 -13.44 -2.78
N MET D 138 -18.42 -13.86 -3.80
CA MET D 138 -19.34 -14.97 -3.63
C MET D 138 -18.94 -16.06 -4.59
N PHE D 139 -18.67 -17.24 -4.06
CA PHE D 139 -18.30 -18.39 -4.88
C PHE D 139 -19.52 -19.26 -5.15
N VAL D 140 -19.71 -19.63 -6.42
CA VAL D 140 -20.96 -20.24 -6.83
C VAL D 140 -20.74 -21.36 -7.84
N TRP D 141 -21.87 -21.92 -8.27
CA TRP D 141 -21.94 -22.82 -9.41
C TRP D 141 -22.82 -22.06 -10.37
N CYS D 142 -22.26 -21.58 -11.47
CA CYS D 142 -23.04 -20.74 -12.38
C CYS D 142 -24.14 -21.55 -13.06
N LYS D 143 -25.11 -20.84 -13.65
CA LYS D 143 -26.24 -21.49 -14.30
C LYS D 143 -25.84 -22.48 -15.39
N GLU D 144 -24.76 -22.19 -16.08
CA GLU D 144 -24.33 -23.04 -17.19
C GLU D 144 -23.62 -24.31 -16.73
N CYS D 145 -22.92 -24.22 -15.60
CA CYS D 145 -22.28 -25.40 -15.02
C CYS D 145 -23.30 -26.23 -14.27
N GLN D 146 -24.42 -25.61 -13.92
CA GLN D 146 -25.51 -26.33 -13.28
C GLN D 146 -26.29 -27.15 -14.30
N GLU D 147 -26.79 -26.49 -15.33
CA GLU D 147 -27.59 -27.16 -16.36
C GLU D 147 -26.79 -28.26 -17.03
N SER D 148 -25.51 -27.99 -17.27
CA SER D 148 -24.63 -28.93 -17.96
C SER D 148 -24.16 -30.03 -17.02
#